data_7A14
#
_entry.id   7A14
#
_cell.length_a   87.343
_cell.length_b   100.812
_cell.length_c   99.047
_cell.angle_alpha   90.000
_cell.angle_beta   90.000
_cell.angle_gamma   90.000
#
_symmetry.space_group_name_H-M   'C 2 2 21'
#
loop_
_entity.id
_entity.type
_entity.pdbx_description
1 polymer 'Methionine aminopeptidase 2'
2 non-polymer 'PHOSPHATE ION'
3 non-polymer 5-chloranyl-6-fluoranyl-3-(2-propan-2-yloxyphenyl)-1~{H}-indole-2-carboxamide
4 non-polymer 'MANGANESE (II) ION'
5 water water
#
_entity_poly.entity_id   1
_entity_poly.type   'polypeptide(L)'
_entity_poly.pdbx_seq_one_letter_code
;GPKVQTDPPSVPICDLYPNGVFPKGQECEYPPTQDGRTAAWRTTSEEKKALDQASEEIWNDFREAAEAHRQVRKYVMSWI
KPGMTMIEICEKLEDCSRKLIKENGLNAGLAFPTGCSLNNCAAHYTPNAGDTTVLQYDDICKIDFGTHISGRIIDCAFTV
TFNPKYDTLLKAVKDATNTGIKCAGIDVRLCDVGEAIQEVMESYEVEIDGKTYQVKPIRNLNGHSIGQYRIHAGKTVPIV
KGGEATRMEEGEVYAIETFGSTGKGVVHDDMECSHYMKNFDVGHVPIRLPRTKHLLNVINENFGTLAFCRRWLDRLGESK
YLMALKNLCDLGIVDPYPPLCDIKGSYTAQFEHTILLRPTCKEVVSRGDDY
;
_entity_poly.pdbx_strand_id   A
#
loop_
_chem_comp.id
_chem_comp.type
_chem_comp.name
_chem_comp.formula
MN non-polymer 'MANGANESE (II) ION' 'Mn 2'
PO4 non-polymer 'PHOSPHATE ION' 'O4 P -3'
QVB non-polymer 5-chloranyl-6-fluoranyl-3-(2-propan-2-yloxyphenyl)-1~{H}-indole-2-carboxamide 'C18 H16 Cl F N2 O2'
#
# COMPACT_ATOMS: atom_id res chain seq x y z
N LYS A 3 -17.09 -20.65 13.47
CA LYS A 3 -15.71 -20.94 13.15
C LYS A 3 -14.76 -19.89 13.74
N VAL A 4 -13.71 -20.33 14.47
CA VAL A 4 -12.73 -19.42 15.09
C VAL A 4 -11.38 -19.45 14.37
N GLN A 5 -10.63 -18.34 14.43
CA GLN A 5 -9.32 -18.25 13.78
C GLN A 5 -8.25 -19.05 14.52
N THR A 6 -7.37 -19.74 13.77
CA THR A 6 -6.28 -20.57 14.26
C THR A 6 -4.99 -19.77 14.55
N ASP A 7 -3.99 -20.41 15.19
CA ASP A 7 -2.70 -19.82 15.50
C ASP A 7 -1.61 -20.81 15.07
N PRO A 8 -0.88 -20.58 13.94
CA PRO A 8 -0.94 -19.43 13.01
C PRO A 8 -2.22 -19.35 12.17
N PRO A 9 -2.58 -18.15 11.65
CA PRO A 9 -3.82 -18.01 10.87
C PRO A 9 -3.89 -18.84 9.60
N SER A 10 -4.95 -19.65 9.46
CA SER A 10 -5.16 -20.50 8.28
C SER A 10 -6.61 -20.45 7.77
N VAL A 11 -7.55 -19.92 8.57
CA VAL A 11 -8.95 -19.88 8.20
C VAL A 11 -9.25 -18.64 7.36
N PRO A 12 -9.78 -18.82 6.14
CA PRO A 12 -10.14 -17.65 5.31
C PRO A 12 -11.08 -16.68 6.00
N ILE A 13 -10.98 -15.38 5.69
CA ILE A 13 -11.84 -14.36 6.28
C ILE A 13 -13.33 -14.61 5.93
N CYS A 14 -13.65 -15.05 4.67
CA CYS A 14 -15.05 -15.35 4.34
C CYS A 14 -15.60 -16.58 5.10
N ASP A 15 -14.74 -17.39 5.73
CA ASP A 15 -15.17 -18.51 6.58
C ASP A 15 -15.44 -18.02 8.01
N LEU A 16 -14.78 -16.94 8.47
CA LEU A 16 -15.03 -16.38 9.80
C LEU A 16 -16.32 -15.53 9.82
N TYR A 17 -16.70 -14.94 8.68
CA TYR A 17 -17.94 -14.15 8.53
C TYR A 17 -18.70 -14.74 7.33
N PRO A 18 -19.36 -15.92 7.50
CA PRO A 18 -20.02 -16.58 6.36
C PRO A 18 -21.25 -15.88 5.76
N ASN A 19 -21.91 -14.99 6.52
CA ASN A 19 -23.03 -14.21 5.96
C ASN A 19 -22.55 -13.09 5.01
N GLY A 20 -21.24 -12.93 4.86
CA GLY A 20 -20.67 -11.91 4.00
C GLY A 20 -20.72 -10.51 4.58
N VAL A 21 -20.88 -10.36 5.90
CA VAL A 21 -20.87 -9.04 6.51
C VAL A 21 -19.56 -8.94 7.28
N PHE A 22 -18.64 -8.11 6.79
CA PHE A 22 -17.30 -8.01 7.36
C PHE A 22 -17.13 -6.81 8.30
N PRO A 23 -16.25 -6.91 9.32
CA PRO A 23 -16.09 -5.80 10.28
C PRO A 23 -15.75 -4.47 9.64
N LYS A 24 -16.41 -3.40 10.09
CA LYS A 24 -16.12 -2.06 9.58
C LYS A 24 -14.77 -1.56 10.13
N GLY A 25 -14.15 -0.63 9.41
CA GLY A 25 -12.93 0.00 9.88
C GLY A 25 -13.29 1.17 10.79
N GLN A 26 -12.34 2.08 11.02
CA GLN A 26 -12.58 3.24 11.89
C GLN A 26 -13.50 4.24 11.17
N GLU A 27 -14.67 4.53 11.74
CA GLU A 27 -15.61 5.49 11.15
C GLU A 27 -15.35 6.86 11.73
N CYS A 28 -15.18 7.86 10.86
CA CYS A 28 -14.87 9.23 11.22
C CYS A 28 -15.82 10.21 10.58
N GLU A 29 -16.17 11.23 11.34
CA GLU A 29 -16.99 12.33 10.88
C GLU A 29 -16.11 13.17 9.93
N TYR A 30 -16.71 13.80 8.91
CA TYR A 30 -15.95 14.63 7.97
C TYR A 30 -15.46 15.95 8.60
N PRO A 31 -14.22 16.39 8.29
CA PRO A 31 -13.71 17.64 8.89
C PRO A 31 -14.35 18.90 8.31
N PRO A 32 -14.36 20.03 9.05
CA PRO A 32 -14.98 21.25 8.51
C PRO A 32 -14.22 21.86 7.34
N THR A 33 -14.93 22.62 6.50
CA THR A 33 -14.35 23.29 5.34
C THR A 33 -13.47 24.49 5.75
N GLN A 34 -12.63 24.98 4.82
CA GLN A 34 -11.69 26.09 5.02
C GLN A 34 -12.34 27.37 5.59
N ASP A 35 -13.64 27.58 5.32
CA ASP A 35 -14.39 28.73 5.81
C ASP A 35 -14.66 28.63 7.32
N GLY A 36 -14.96 27.42 7.77
CA GLY A 36 -15.27 27.13 9.17
C GLY A 36 -16.50 26.25 9.34
N ARG A 37 -17.35 26.15 8.29
CA ARG A 37 -18.57 25.36 8.29
C ARG A 37 -18.29 23.86 8.26
N THR A 38 -18.93 23.11 9.16
CA THR A 38 -18.71 21.67 9.24
C THR A 38 -19.39 20.89 8.11
N ALA A 39 -18.74 19.80 7.68
CA ALA A 39 -19.28 18.87 6.68
C ALA A 39 -19.98 17.66 7.35
N ALA A 40 -20.09 17.67 8.70
CA ALA A 40 -20.65 16.66 9.56
C ALA A 40 -22.10 16.27 9.25
N TRP A 41 -22.93 17.19 8.71
CA TRP A 41 -24.34 16.95 8.38
C TRP A 41 -24.62 15.65 7.62
N ARG A 42 -23.61 15.16 6.89
CA ARG A 42 -23.64 13.94 6.09
C ARG A 42 -23.94 12.68 6.91
N THR A 43 -23.48 12.65 8.18
CA THR A 43 -23.70 11.52 9.10
C THR A 43 -25.19 11.24 9.36
N THR A 44 -26.04 12.27 9.21
CA THR A 44 -27.48 12.14 9.44
C THR A 44 -28.35 12.39 8.19
N SER A 45 -27.74 12.79 7.06
CA SER A 45 -28.49 13.03 5.83
C SER A 45 -29.08 11.74 5.28
N GLU A 46 -30.42 11.65 5.19
CA GLU A 46 -31.15 10.48 4.69
C GLU A 46 -30.88 10.23 3.20
N GLU A 47 -30.60 11.29 2.43
CA GLU A 47 -30.23 11.20 1.02
C GLU A 47 -28.82 10.55 0.88
N LYS A 48 -27.93 10.82 1.84
CA LYS A 48 -26.60 10.25 1.87
C LYS A 48 -26.61 8.84 2.46
N LYS A 49 -27.53 8.56 3.41
CA LYS A 49 -27.71 7.25 4.03
C LYS A 49 -28.13 6.21 2.99
N ALA A 50 -29.00 6.62 2.04
CA ALA A 50 -29.47 5.76 0.95
C ALA A 50 -28.33 5.57 -0.06
N LEU A 51 -27.59 6.65 -0.37
CA LEU A 51 -26.47 6.60 -1.29
C LEU A 51 -25.29 5.75 -0.75
N ASP A 52 -25.19 5.60 0.57
CA ASP A 52 -24.16 4.81 1.23
C ASP A 52 -24.60 3.34 1.35
N GLN A 53 -25.89 3.09 1.59
CA GLN A 53 -26.40 1.73 1.70
C GLN A 53 -26.48 1.01 0.34
N ALA A 54 -26.60 1.77 -0.77
CA ALA A 54 -26.65 1.21 -2.11
C ALA A 54 -25.29 0.59 -2.49
N SER A 55 -24.19 1.21 -2.03
CA SER A 55 -22.82 0.74 -2.28
C SER A 55 -22.29 -0.16 -1.16
N GLU A 56 -23.15 -0.70 -0.30
CA GLU A 56 -22.77 -1.56 0.82
C GLU A 56 -21.90 -2.76 0.39
N GLU A 57 -22.18 -3.36 -0.78
CA GLU A 57 -21.43 -4.48 -1.34
C GLU A 57 -19.98 -4.10 -1.59
N ILE A 58 -19.74 -2.90 -2.16
CA ILE A 58 -18.41 -2.39 -2.43
C ILE A 58 -17.63 -2.22 -1.12
N TRP A 59 -18.22 -1.48 -0.14
CA TRP A 59 -17.57 -1.25 1.15
C TRP A 59 -17.27 -2.57 1.86
N ASN A 60 -18.18 -3.53 1.70
CA ASN A 60 -18.04 -4.84 2.28
C ASN A 60 -16.85 -5.62 1.70
N ASP A 61 -16.62 -5.51 0.38
CA ASP A 61 -15.47 -6.15 -0.29
C ASP A 61 -14.16 -5.55 0.26
N PHE A 62 -14.11 -4.22 0.42
CA PHE A 62 -12.96 -3.52 1.01
C PHE A 62 -12.66 -4.03 2.42
N ARG A 63 -13.72 -4.22 3.25
CA ARG A 63 -13.62 -4.70 4.64
C ARG A 63 -13.13 -6.13 4.78
N GLU A 64 -13.54 -7.04 3.87
CA GLU A 64 -13.03 -8.41 3.87
C GLU A 64 -11.49 -8.35 3.59
N ALA A 65 -11.10 -7.54 2.60
CA ALA A 65 -9.70 -7.39 2.24
C ALA A 65 -8.89 -6.71 3.37
N ALA A 66 -9.51 -5.79 4.11
CA ALA A 66 -8.85 -5.08 5.22
C ALA A 66 -8.71 -5.99 6.45
N GLU A 67 -9.66 -6.91 6.66
CA GLU A 67 -9.59 -7.87 7.76
C GLU A 67 -8.50 -8.90 7.51
N ALA A 68 -8.34 -9.33 6.24
CA ALA A 68 -7.26 -10.22 5.80
C ALA A 68 -5.93 -9.45 6.02
N HIS A 69 -5.87 -8.17 5.62
CA HIS A 69 -4.68 -7.35 5.83
C HIS A 69 -4.31 -7.25 7.33
N ARG A 70 -5.29 -6.98 8.21
CA ARG A 70 -5.07 -6.87 9.65
C ARG A 70 -4.52 -8.19 10.23
N GLN A 71 -5.12 -9.32 9.87
CA GLN A 71 -4.69 -10.62 10.40
C GLN A 71 -3.32 -11.06 9.88
N VAL A 72 -3.03 -10.80 8.60
CA VAL A 72 -1.73 -11.11 8.01
C VAL A 72 -0.63 -10.31 8.72
N ARG A 73 -0.78 -8.98 8.82
CA ARG A 73 0.26 -8.16 9.44
C ARG A 73 0.49 -8.49 10.94
N LYS A 74 -0.55 -8.90 11.68
CA LYS A 74 -0.40 -9.29 13.09
C LYS A 74 0.41 -10.57 13.19
N TYR A 75 0.18 -11.50 12.26
CA TYR A 75 0.93 -12.74 12.15
C TYR A 75 2.39 -12.40 11.83
N VAL A 76 2.64 -11.56 10.80
CA VAL A 76 3.98 -11.14 10.43
C VAL A 76 4.73 -10.52 11.63
N MET A 77 4.08 -9.61 12.36
CA MET A 77 4.70 -8.97 13.52
CA MET A 77 4.70 -8.99 13.52
C MET A 77 5.14 -9.97 14.61
N SER A 78 4.49 -11.13 14.70
CA SER A 78 4.85 -12.14 15.69
C SER A 78 6.12 -12.94 15.35
N TRP A 79 6.55 -12.97 14.07
CA TRP A 79 7.73 -13.74 13.70
C TRP A 79 8.81 -12.97 12.94
N ILE A 80 8.54 -11.77 12.37
CA ILE A 80 9.56 -11.06 11.57
C ILE A 80 10.78 -10.76 12.42
N LYS A 81 11.92 -11.35 12.07
CA LYS A 81 13.12 -11.24 12.89
C LYS A 81 14.38 -11.04 12.08
N PRO A 82 15.37 -10.32 12.65
CA PRO A 82 16.66 -10.21 11.95
C PRO A 82 17.32 -11.59 11.90
N GLY A 83 17.95 -11.88 10.77
CA GLY A 83 18.55 -13.15 10.45
C GLY A 83 17.85 -13.84 9.29
N MET A 84 16.53 -13.65 9.17
CA MET A 84 15.74 -14.23 8.08
C MET A 84 16.10 -13.60 6.74
N THR A 85 15.98 -14.35 5.65
CA THR A 85 16.21 -13.77 4.33
C THR A 85 14.98 -12.94 3.95
N MET A 86 15.15 -11.95 3.05
CA MET A 86 14.00 -11.17 2.60
C MET A 86 13.01 -12.06 1.84
N ILE A 87 13.51 -13.06 1.08
CA ILE A 87 12.66 -14.03 0.36
C ILE A 87 11.78 -14.81 1.35
N GLU A 88 12.37 -15.33 2.46
CA GLU A 88 11.64 -16.08 3.50
CA GLU A 88 11.66 -16.07 3.52
C GLU A 88 10.50 -15.23 4.08
N ILE A 89 10.77 -13.95 4.36
CA ILE A 89 9.77 -13.03 4.90
C ILE A 89 8.62 -12.82 3.90
N CYS A 90 8.97 -12.52 2.64
CA CYS A 90 7.95 -12.27 1.64
C CYS A 90 7.12 -13.49 1.32
N GLU A 91 7.75 -14.67 1.20
CA GLU A 91 7.02 -15.88 0.89
C GLU A 91 6.09 -16.30 2.04
N LYS A 92 6.53 -16.17 3.29
CA LYS A 92 5.74 -16.53 4.47
C LYS A 92 4.52 -15.61 4.64
N LEU A 93 4.70 -14.29 4.42
CA LEU A 93 3.62 -13.31 4.47
C LEU A 93 2.62 -13.64 3.34
N GLU A 94 3.11 -13.78 2.10
CA GLU A 94 2.25 -14.04 0.94
C GLU A 94 1.49 -15.36 1.03
N ASP A 95 2.08 -16.40 1.64
CA ASP A 95 1.39 -17.68 1.81
C ASP A 95 0.16 -17.48 2.72
N CYS A 96 0.34 -16.74 3.81
CA CYS A 96 -0.73 -16.45 4.74
C CYS A 96 -1.80 -15.56 4.08
N SER A 97 -1.35 -14.53 3.34
CA SER A 97 -2.22 -13.62 2.63
C SER A 97 -3.13 -14.35 1.61
N ARG A 98 -2.58 -15.28 0.83
CA ARG A 98 -3.36 -16.05 -0.14
C ARG A 98 -4.46 -16.88 0.56
N LYS A 99 -4.14 -17.52 1.70
CA LYS A 99 -5.08 -18.34 2.46
C LYS A 99 -6.21 -17.53 3.08
N LEU A 100 -5.89 -16.39 3.72
CA LEU A 100 -6.89 -15.57 4.40
C LEU A 100 -7.79 -14.80 3.45
N ILE A 101 -7.24 -14.38 2.30
CA ILE A 101 -8.06 -13.72 1.28
C ILE A 101 -8.83 -14.78 0.45
N LYS A 102 -8.43 -16.08 0.52
CA LYS A 102 -8.99 -17.20 -0.25
C LYS A 102 -8.80 -16.89 -1.74
N GLU A 103 -7.53 -16.90 -2.18
CA GLU A 103 -7.13 -16.59 -3.54
C GLU A 103 -8.01 -17.32 -4.59
N ASN A 104 -8.53 -16.57 -5.57
CA ASN A 104 -9.42 -17.10 -6.60
C ASN A 104 -9.23 -16.31 -7.88
N GLY A 105 -8.14 -16.56 -8.58
CA GLY A 105 -7.83 -15.85 -9.82
C GLY A 105 -7.89 -14.34 -9.69
N LEU A 106 -8.60 -13.68 -10.60
CA LEU A 106 -8.74 -12.21 -10.57
C LEU A 106 -9.88 -11.73 -9.66
N ASN A 107 -10.64 -12.65 -9.02
CA ASN A 107 -11.76 -12.25 -8.17
C ASN A 107 -11.39 -12.01 -6.70
N ALA A 108 -10.22 -12.50 -6.27
CA ALA A 108 -9.74 -12.34 -4.88
C ALA A 108 -8.28 -12.75 -4.85
N GLY A 109 -7.44 -11.96 -4.18
CA GLY A 109 -6.01 -12.27 -4.13
C GLY A 109 -5.14 -11.15 -3.64
N LEU A 110 -3.90 -11.14 -4.13
CA LEU A 110 -2.90 -10.17 -3.76
C LEU A 110 -2.92 -9.05 -4.79
N ALA A 111 -3.13 -7.83 -4.35
CA ALA A 111 -3.21 -6.64 -5.20
C ALA A 111 -1.87 -6.23 -5.78
N PHE A 112 -0.77 -6.47 -5.04
CA PHE A 112 0.57 -6.13 -5.48
C PHE A 112 1.63 -6.85 -4.63
N PRO A 113 2.87 -6.98 -5.13
CA PRO A 113 3.93 -7.66 -4.34
C PRO A 113 4.27 -7.03 -2.99
N THR A 114 4.77 -7.86 -2.06
CA THR A 114 5.15 -7.42 -0.73
C THR A 114 6.40 -6.61 -0.82
N GLY A 115 6.26 -5.33 -0.54
CA GLY A 115 7.42 -4.45 -0.49
C GLY A 115 8.07 -4.68 0.85
N CYS A 116 9.39 -4.75 0.88
CA CYS A 116 10.14 -4.91 2.13
C CYS A 116 11.40 -4.03 2.06
N SER A 117 11.27 -2.82 1.47
CA SER A 117 12.35 -1.87 1.24
C SER A 117 13.11 -1.51 2.52
N LEU A 118 14.43 -1.54 2.40
CA LEU A 118 15.32 -1.35 3.52
C LEU A 118 16.10 -0.05 3.52
N ASN A 119 16.22 0.56 4.71
CA ASN A 119 17.08 1.70 5.00
C ASN A 119 16.81 2.91 4.09
N ASN A 120 17.76 3.31 3.21
CA ASN A 120 17.53 4.45 2.31
C ASN A 120 16.48 4.16 1.24
N CYS A 121 16.19 2.86 0.97
CA CYS A 121 15.17 2.53 -0.01
C CYS A 121 13.83 2.57 0.65
N ALA A 122 12.94 3.42 0.15
CA ALA A 122 11.64 3.66 0.74
C ALA A 122 10.53 2.83 0.18
N ALA A 123 10.61 2.45 -1.11
CA ALA A 123 9.52 1.73 -1.75
C ALA A 123 9.95 0.88 -2.94
N HIS A 124 9.13 -0.13 -3.24
CA HIS A 124 9.20 -0.96 -4.43
C HIS A 124 10.42 -1.85 -4.50
N TYR A 125 10.89 -2.31 -3.34
CA TYR A 125 11.89 -3.37 -3.30
C TYR A 125 11.21 -4.63 -2.77
N THR A 126 11.29 -5.71 -3.55
CA THR A 126 10.92 -7.08 -3.19
C THR A 126 12.01 -7.97 -3.81
N PRO A 127 12.51 -8.99 -3.10
CA PRO A 127 13.58 -9.81 -3.68
C PRO A 127 13.17 -10.59 -4.93
N ASN A 128 14.09 -10.69 -5.90
CA ASN A 128 13.95 -11.55 -7.07
C ASN A 128 14.66 -12.89 -6.65
N ALA A 129 14.49 -13.98 -7.41
CA ALA A 129 15.12 -15.27 -7.07
C ALA A 129 16.64 -15.13 -7.03
N GLY A 130 17.27 -15.80 -6.07
CA GLY A 130 18.71 -15.76 -5.88
C GLY A 130 19.19 -14.68 -4.93
N ASP A 131 18.29 -13.76 -4.52
CA ASP A 131 18.64 -12.67 -3.65
C ASP A 131 18.92 -13.22 -2.26
N THR A 132 20.17 -13.05 -1.82
CA THR A 132 20.67 -13.56 -0.55
C THR A 132 20.48 -12.57 0.62
N THR A 133 19.96 -11.34 0.35
CA THR A 133 19.73 -10.28 1.36
C THR A 133 19.03 -10.80 2.60
N VAL A 134 19.59 -10.47 3.75
CA VAL A 134 19.09 -10.88 5.05
C VAL A 134 18.66 -9.63 5.84
N LEU A 135 17.54 -9.71 6.57
CA LEU A 135 17.10 -8.62 7.44
C LEU A 135 18.11 -8.50 8.60
N GLN A 136 18.63 -7.29 8.84
CA GLN A 136 19.63 -7.01 9.87
C GLN A 136 18.99 -6.36 11.09
N TYR A 137 19.60 -6.51 12.27
CA TYR A 137 19.11 -5.90 13.52
C TYR A 137 18.90 -4.38 13.39
N ASP A 138 19.82 -3.70 12.72
CA ASP A 138 19.74 -2.24 12.56
C ASP A 138 18.96 -1.79 11.31
N ASP A 139 18.30 -2.71 10.58
CA ASP A 139 17.56 -2.30 9.38
C ASP A 139 16.25 -1.61 9.72
N ILE A 140 15.81 -0.71 8.82
CA ILE A 140 14.50 -0.07 8.91
C ILE A 140 13.74 -0.55 7.64
N CYS A 141 12.82 -1.51 7.84
CA CYS A 141 12.10 -2.25 6.81
C CYS A 141 10.67 -1.76 6.62
N LYS A 142 10.30 -1.38 5.40
CA LYS A 142 8.94 -0.92 5.11
C LYS A 142 8.13 -2.10 4.54
N ILE A 143 7.20 -2.65 5.33
CA ILE A 143 6.36 -3.77 4.89
C ILE A 143 5.11 -3.18 4.26
N ASP A 144 4.97 -3.30 2.96
CA ASP A 144 3.85 -2.74 2.24
C ASP A 144 3.27 -3.85 1.38
N PHE A 145 2.08 -4.36 1.74
CA PHE A 145 1.44 -5.41 0.94
C PHE A 145 -0.03 -5.07 0.70
N GLY A 146 -0.60 -5.65 -0.34
CA GLY A 146 -1.99 -5.42 -0.67
C GLY A 146 -2.82 -6.66 -0.85
N THR A 147 -4.10 -6.57 -0.48
CA THR A 147 -5.10 -7.60 -0.67
C THR A 147 -6.27 -6.97 -1.47
N HIS A 148 -7.09 -7.83 -2.08
CA HIS A 148 -8.25 -7.35 -2.82
C HIS A 148 -9.34 -8.38 -2.89
N ILE A 149 -10.58 -7.89 -2.93
CA ILE A 149 -11.77 -8.67 -3.17
C ILE A 149 -12.44 -7.96 -4.33
N SER A 150 -12.60 -8.66 -5.47
CA SER A 150 -13.23 -8.14 -6.69
C SER A 150 -12.62 -6.82 -7.16
N GLY A 151 -11.30 -6.67 -7.00
CA GLY A 151 -10.61 -5.46 -7.41
C GLY A 151 -10.73 -4.26 -6.49
N ARG A 152 -11.30 -4.46 -5.30
CA ARG A 152 -11.38 -3.42 -4.27
C ARG A 152 -10.09 -3.60 -3.46
N ILE A 153 -9.11 -2.70 -3.68
CA ILE A 153 -7.76 -2.81 -3.13
C ILE A 153 -7.51 -2.15 -1.78
N ILE A 154 -6.85 -2.89 -0.89
CA ILE A 154 -6.38 -2.39 0.37
C ILE A 154 -4.87 -2.17 0.20
N ASP A 155 -4.45 -0.89 0.15
CA ASP A 155 -3.05 -0.48 0.07
C ASP A 155 -2.71 0.05 1.47
N CYS A 156 -1.96 -0.74 2.24
CA CYS A 156 -1.74 -0.45 3.65
C CYS A 156 -0.34 -0.91 4.01
N ALA A 157 0.39 -0.10 4.81
CA ALA A 157 1.79 -0.38 5.11
C ALA A 157 2.28 0.16 6.47
N PHE A 158 3.34 -0.48 7.00
CA PHE A 158 3.96 -0.09 8.26
C PHE A 158 5.50 -0.28 8.18
N THR A 159 6.23 0.26 9.17
CA THR A 159 7.69 0.10 9.19
C THR A 159 8.07 -0.79 10.39
N VAL A 160 9.02 -1.70 10.17
CA VAL A 160 9.51 -2.65 11.15
C VAL A 160 10.93 -2.27 11.52
N THR A 161 11.23 -2.22 12.83
CA THR A 161 12.57 -2.00 13.34
C THR A 161 12.80 -2.89 14.57
N PHE A 162 14.08 -3.14 14.91
CA PHE A 162 14.45 -3.91 16.10
C PHE A 162 15.35 -3.05 17.04
N ASN A 163 15.92 -1.96 16.53
CA ASN A 163 16.77 -1.07 17.29
C ASN A 163 15.92 0.15 17.67
N PRO A 164 15.83 0.47 18.98
CA PRO A 164 15.00 1.62 19.40
C PRO A 164 15.51 2.99 18.95
N LYS A 165 16.67 3.06 18.27
CA LYS A 165 17.22 4.34 17.80
C LYS A 165 16.35 5.05 16.75
N TYR A 166 15.51 4.30 16.02
CA TYR A 166 14.61 4.86 15.01
C TYR A 166 13.22 5.24 15.58
N ASP A 167 12.94 4.95 16.86
CA ASP A 167 11.63 5.20 17.48
C ASP A 167 11.02 6.59 17.19
N THR A 168 11.81 7.68 17.23
CA THR A 168 11.28 9.01 16.97
CA THR A 168 11.28 9.02 16.98
C THR A 168 11.05 9.25 15.48
N LEU A 169 11.86 8.63 14.61
CA LEU A 169 11.66 8.72 13.15
C LEU A 169 10.31 8.04 12.81
N LEU A 170 10.03 6.87 13.45
CA LEU A 170 8.78 6.13 13.28
C LEU A 170 7.58 6.92 13.76
N LYS A 171 7.71 7.53 14.95
CA LYS A 171 6.68 8.35 15.59
C LYS A 171 6.34 9.55 14.69
N ALA A 172 7.35 10.15 14.06
CA ALA A 172 7.13 11.31 13.17
C ALA A 172 6.30 10.94 11.93
N VAL A 173 6.62 9.79 11.31
CA VAL A 173 5.90 9.36 10.11
C VAL A 173 4.48 8.89 10.44
N LYS A 174 4.31 8.16 11.56
CA LYS A 174 2.98 7.69 11.98
C LYS A 174 2.05 8.91 12.24
N ASP A 175 2.56 9.94 12.94
CA ASP A 175 1.83 11.18 13.24
C ASP A 175 1.48 11.93 11.95
N ALA A 176 2.41 12.04 11.00
CA ALA A 176 2.16 12.69 9.70
C ALA A 176 1.08 11.93 8.88
N THR A 177 1.11 10.57 8.89
CA THR A 177 0.10 9.78 8.19
C THR A 177 -1.26 10.00 8.85
N ASN A 178 -1.28 9.94 10.19
CA ASN A 178 -2.52 10.13 10.94
C ASN A 178 -3.12 11.54 10.72
N THR A 179 -2.25 12.55 10.50
CA THR A 179 -2.68 13.92 10.19
C THR A 179 -3.31 13.98 8.80
N GLY A 180 -2.70 13.32 7.82
CA GLY A 180 -3.24 13.26 6.45
C GLY A 180 -4.60 12.61 6.42
N ILE A 181 -4.79 11.57 7.25
CA ILE A 181 -6.05 10.85 7.39
C ILE A 181 -7.11 11.77 8.03
N LYS A 182 -6.77 12.48 9.13
CA LYS A 182 -7.70 13.39 9.78
C LYS A 182 -8.13 14.54 8.86
N CYS A 183 -7.19 15.10 8.08
CA CYS A 183 -7.48 16.22 7.20
CA CYS A 183 -7.39 16.21 7.15
C CYS A 183 -8.22 15.83 5.92
N ALA A 184 -8.26 14.53 5.58
CA ALA A 184 -8.97 14.07 4.39
C ALA A 184 -10.48 14.19 4.55
N GLY A 185 -11.19 14.44 3.46
CA GLY A 185 -12.65 14.53 3.46
C GLY A 185 -13.22 15.00 2.14
N ILE A 186 -14.54 14.83 1.95
CA ILE A 186 -15.18 15.28 0.70
C ILE A 186 -15.07 16.81 0.56
N ASP A 187 -14.65 17.28 -0.64
CA ASP A 187 -14.47 18.67 -1.06
C ASP A 187 -13.17 19.32 -0.57
N VAL A 188 -12.36 18.59 0.22
CA VAL A 188 -11.08 19.09 0.71
C VAL A 188 -10.08 19.09 -0.45
N ARG A 189 -9.28 20.15 -0.58
CA ARG A 189 -8.29 20.24 -1.64
C ARG A 189 -7.10 19.33 -1.28
N LEU A 190 -6.54 18.63 -2.29
CA LEU A 190 -5.42 17.72 -2.10
C LEU A 190 -4.15 18.42 -1.64
N CYS A 191 -3.95 19.70 -2.06
CA CYS A 191 -2.78 20.46 -1.65
CA CYS A 191 -2.78 20.48 -1.65
C CYS A 191 -2.79 20.77 -0.15
N ASP A 192 -3.98 20.91 0.45
CA ASP A 192 -4.14 21.20 1.88
C ASP A 192 -3.82 19.99 2.75
N VAL A 193 -4.11 18.78 2.26
CA VAL A 193 -3.77 17.55 2.97
C VAL A 193 -2.23 17.44 3.02
N GLY A 194 -1.57 17.74 1.90
CA GLY A 194 -0.12 17.74 1.78
C GLY A 194 0.58 18.69 2.73
N GLU A 195 0.09 19.95 2.80
CA GLU A 195 0.65 20.99 3.66
C GLU A 195 0.59 20.61 5.13
N ALA A 196 -0.54 20.01 5.57
CA ALA A 196 -0.73 19.56 6.93
C ALA A 196 0.20 18.38 7.28
N ILE A 197 0.47 17.48 6.31
CA ILE A 197 1.34 16.33 6.51
C ILE A 197 2.78 16.81 6.71
N GLN A 198 3.23 17.72 5.84
CA GLN A 198 4.57 18.26 5.86
C GLN A 198 4.82 19.00 7.17
N GLU A 199 3.86 19.86 7.58
CA GLU A 199 3.96 20.65 8.80
C GLU A 199 4.22 19.78 10.03
N VAL A 200 3.50 18.65 10.15
CA VAL A 200 3.67 17.74 11.28
C VAL A 200 5.01 16.99 11.21
N MET A 201 5.32 16.43 10.04
CA MET A 201 6.53 15.66 9.77
C MET A 201 7.80 16.45 10.08
N GLU A 202 7.91 17.69 9.56
CA GLU A 202 9.07 18.58 9.76
C GLU A 202 9.21 19.15 11.18
N SER A 203 8.17 19.02 12.01
CA SER A 203 8.25 19.46 13.39
C SER A 203 9.09 18.48 14.25
N TYR A 204 9.58 17.36 13.66
CA TYR A 204 10.34 16.38 14.40
C TYR A 204 11.81 16.42 14.03
N GLU A 205 12.66 16.33 15.05
CA GLU A 205 14.11 16.21 14.86
C GLU A 205 14.50 14.90 15.58
N VAL A 206 15.41 14.14 14.97
CA VAL A 206 15.80 12.83 15.47
C VAL A 206 17.30 12.68 15.55
N GLU A 207 17.78 11.82 16.44
CA GLU A 207 19.20 11.55 16.58
C GLU A 207 19.42 10.05 16.41
N ILE A 208 20.29 9.68 15.45
CA ILE A 208 20.61 8.29 15.15
C ILE A 208 22.14 8.14 15.05
N ASP A 209 22.73 7.33 15.95
CA ASP A 209 24.16 7.05 16.02
C ASP A 209 25.05 8.31 16.11
N GLY A 210 24.64 9.24 16.96
CA GLY A 210 25.39 10.49 17.17
C GLY A 210 25.16 11.57 16.13
N LYS A 211 24.27 11.31 15.15
CA LYS A 211 23.95 12.29 14.11
C LYS A 211 22.52 12.80 14.29
N THR A 212 22.24 14.05 13.91
CA THR A 212 20.90 14.61 14.07
C THR A 212 20.32 15.02 12.74
N TYR A 213 18.98 14.96 12.64
CA TYR A 213 18.31 15.32 11.40
C TYR A 213 16.94 15.91 11.68
N GLN A 214 16.47 16.81 10.82
CA GLN A 214 15.09 17.27 10.87
C GLN A 214 14.41 16.34 9.85
N VAL A 215 13.35 15.63 10.28
CA VAL A 215 12.64 14.68 9.42
C VAL A 215 12.04 15.39 8.21
N LYS A 216 12.28 14.84 7.01
CA LYS A 216 11.79 15.41 5.76
C LYS A 216 10.80 14.51 5.08
N PRO A 217 9.66 15.04 4.59
CA PRO A 217 8.77 14.20 3.75
C PRO A 217 9.48 13.89 2.43
N ILE A 218 9.23 12.70 1.84
CA ILE A 218 9.83 12.40 0.54
C ILE A 218 8.92 13.09 -0.48
N ARG A 219 9.35 14.25 -0.97
CA ARG A 219 8.52 15.10 -1.84
C ARG A 219 8.02 14.44 -3.14
N ASN A 220 8.77 13.48 -3.72
CA ASN A 220 8.31 12.84 -4.95
C ASN A 220 7.59 11.50 -4.72
N LEU A 221 7.13 11.24 -3.49
CA LEU A 221 6.30 10.08 -3.14
C LEU A 221 5.02 10.66 -2.57
N ASN A 222 3.87 9.97 -2.77
CA ASN A 222 2.61 10.57 -2.36
C ASN A 222 1.45 9.61 -2.19
N GLY A 223 0.41 10.09 -1.54
CA GLY A 223 -0.86 9.41 -1.46
C GLY A 223 -1.52 9.43 -2.83
N HIS A 224 -2.59 8.65 -3.00
CA HIS A 224 -3.23 8.53 -4.31
C HIS A 224 -4.63 7.97 -4.23
N SER A 225 -5.45 8.28 -5.22
CA SER A 225 -6.78 7.68 -5.29
C SER A 225 -6.60 6.22 -5.79
N ILE A 226 -7.56 5.36 -5.44
CA ILE A 226 -7.57 3.95 -5.82
C ILE A 226 -8.85 3.68 -6.61
N GLY A 227 -8.72 2.99 -7.73
CA GLY A 227 -9.85 2.57 -8.56
C GLY A 227 -9.95 1.05 -8.58
N GLN A 228 -11.02 0.51 -9.20
CA GLN A 228 -11.19 -0.94 -9.27
C GLN A 228 -10.10 -1.53 -10.15
N TYR A 229 -9.30 -2.45 -9.58
CA TYR A 229 -8.15 -3.07 -10.26
C TYR A 229 -7.12 -2.04 -10.70
N ARG A 230 -7.11 -0.86 -10.06
CA ARG A 230 -6.18 0.20 -10.41
C ARG A 230 -5.63 0.80 -9.12
N ILE A 231 -4.40 0.41 -8.75
CA ILE A 231 -3.74 0.85 -7.52
C ILE A 231 -3.69 2.38 -7.45
N HIS A 232 -3.33 3.06 -8.55
CA HIS A 232 -3.27 4.51 -8.62
C HIS A 232 -4.28 4.94 -9.68
N ALA A 233 -5.42 5.51 -9.25
CA ALA A 233 -6.46 5.94 -10.19
C ALA A 233 -6.22 7.32 -10.84
N GLY A 234 -5.11 7.98 -10.52
CA GLY A 234 -4.78 9.25 -11.17
C GLY A 234 -4.69 10.50 -10.32
N LYS A 235 -5.40 10.55 -9.19
CA LYS A 235 -5.36 11.71 -8.29
C LYS A 235 -4.25 11.55 -7.26
N THR A 236 -3.44 12.59 -7.07
CA THR A 236 -2.30 12.61 -6.17
C THR A 236 -2.58 13.38 -4.87
N VAL A 237 -2.22 12.80 -3.72
CA VAL A 237 -2.35 13.44 -2.40
C VAL A 237 -0.93 13.79 -2.01
N PRO A 238 -0.45 15.01 -2.27
CA PRO A 238 0.94 15.34 -1.91
C PRO A 238 1.22 15.22 -0.42
N ILE A 239 2.50 15.02 -0.07
CA ILE A 239 2.91 14.99 1.33
C ILE A 239 3.76 16.25 1.69
N VAL A 240 3.80 17.26 0.76
CA VAL A 240 4.45 18.58 0.84
C VAL A 240 3.43 19.69 0.43
N LYS A 241 3.78 20.97 0.66
CA LYS A 241 2.97 22.15 0.36
C LYS A 241 2.73 22.35 -1.13
N ALA A 245 -5.00 21.86 -6.33
CA ALA A 245 -5.93 22.30 -7.36
C ALA A 245 -7.16 21.39 -7.42
N THR A 246 -6.93 20.07 -7.35
CA THR A 246 -8.01 19.07 -7.40
C THR A 246 -8.56 18.79 -6.00
N ARG A 247 -9.86 18.47 -5.90
CA ARG A 247 -10.50 18.19 -4.63
C ARG A 247 -10.91 16.73 -4.50
N MET A 248 -10.96 16.23 -3.26
CA MET A 248 -11.41 14.87 -2.96
C MET A 248 -12.92 14.84 -3.18
N GLU A 249 -13.45 13.79 -3.78
CA GLU A 249 -14.88 13.68 -4.08
C GLU A 249 -15.62 12.55 -3.35
N GLU A 250 -16.96 12.64 -3.27
CA GLU A 250 -17.79 11.63 -2.64
C GLU A 250 -17.69 10.29 -3.41
N GLY A 251 -17.55 9.20 -2.68
CA GLY A 251 -17.42 7.89 -3.28
C GLY A 251 -16.01 7.48 -3.63
N GLU A 252 -15.05 8.42 -3.60
CA GLU A 252 -13.67 8.12 -3.91
C GLU A 252 -12.98 7.27 -2.83
N VAL A 253 -11.86 6.63 -3.17
CA VAL A 253 -11.11 5.79 -2.23
C VAL A 253 -9.66 6.27 -2.32
N TYR A 254 -9.00 6.48 -1.18
CA TYR A 254 -7.64 6.99 -1.20
C TYR A 254 -6.69 6.16 -0.38
N ALA A 255 -5.43 6.11 -0.81
CA ALA A 255 -4.37 5.51 -0.04
C ALA A 255 -3.68 6.74 0.56
N ILE A 256 -3.77 6.93 1.88
CA ILE A 256 -3.08 8.04 2.54
C ILE A 256 -1.77 7.49 3.09
N GLU A 257 -0.67 7.84 2.45
CA GLU A 257 0.65 7.38 2.87
C GLU A 257 1.61 8.53 2.96
N THR A 258 2.53 8.44 3.88
CA THR A 258 3.58 9.44 4.04
C THR A 258 4.89 8.68 4.25
N PHE A 259 6.01 9.31 3.84
CA PHE A 259 7.35 8.78 3.95
C PHE A 259 8.21 9.91 4.54
N GLY A 260 8.95 9.60 5.58
CA GLY A 260 9.89 10.51 6.23
C GLY A 260 11.30 10.01 6.01
N SER A 261 12.25 10.94 5.82
CA SER A 261 13.61 10.57 5.50
C SER A 261 14.61 11.44 6.22
N THR A 262 15.75 10.84 6.63
CA THR A 262 16.90 11.56 7.18
C THR A 262 17.88 11.98 6.04
N GLY A 263 17.50 11.80 4.77
CA GLY A 263 18.36 12.13 3.64
C GLY A 263 17.96 13.41 2.95
N LYS A 264 17.90 13.37 1.62
CA LYS A 264 17.53 14.52 0.83
C LYS A 264 16.02 14.76 0.74
N GLY A 265 15.24 13.71 0.97
CA GLY A 265 13.79 13.80 0.85
C GLY A 265 13.34 13.66 -0.58
N VAL A 266 14.18 13.04 -1.44
CA VAL A 266 13.93 12.79 -2.84
C VAL A 266 14.36 11.35 -3.14
N VAL A 267 13.53 10.61 -3.90
CA VAL A 267 13.90 9.26 -4.29
C VAL A 267 14.28 9.17 -5.77
N HIS A 268 15.23 8.30 -6.06
CA HIS A 268 15.71 8.01 -7.41
C HIS A 268 15.60 6.49 -7.69
N ASP A 269 15.53 6.09 -8.98
CA ASP A 269 15.46 4.69 -9.38
C ASP A 269 16.80 4.05 -9.04
N ASP A 270 16.78 2.94 -8.29
CA ASP A 270 18.02 2.28 -7.91
C ASP A 270 17.86 0.78 -7.87
N MET A 271 18.96 0.05 -8.13
CA MET A 271 19.07 -1.41 -8.06
C MET A 271 18.29 -2.13 -9.20
N GLU A 272 18.13 -3.46 -9.10
CA GLU A 272 17.39 -4.20 -10.09
C GLU A 272 15.88 -4.08 -9.85
N CYS A 273 15.12 -4.09 -10.94
CA CYS A 273 13.66 -3.99 -10.89
C CYS A 273 13.06 -5.31 -10.48
N SER A 274 12.03 -5.27 -9.67
CA SER A 274 11.31 -6.47 -9.28
C SER A 274 9.82 -6.33 -9.51
N HIS A 275 9.27 -5.10 -9.43
CA HIS A 275 7.84 -4.78 -9.54
C HIS A 275 7.49 -4.35 -10.95
N TYR A 276 6.41 -4.91 -11.51
CA TYR A 276 5.94 -4.59 -12.86
C TYR A 276 4.41 -4.54 -12.83
N MET A 277 3.82 -3.80 -13.78
CA MET A 277 2.38 -3.70 -13.86
C MET A 277 1.95 -3.24 -15.26
N LYS A 278 0.96 -3.94 -15.84
CA LYS A 278 0.43 -3.59 -17.15
CA LYS A 278 0.40 -3.61 -17.13
C LYS A 278 -0.13 -2.17 -17.12
N ASN A 279 0.11 -1.40 -18.19
CA ASN A 279 -0.41 -0.03 -18.30
C ASN A 279 -1.94 -0.17 -18.41
N PHE A 280 -2.68 0.42 -17.47
CA PHE A 280 -4.13 0.33 -17.42
C PHE A 280 -4.83 0.83 -18.69
N ASP A 281 -4.23 1.78 -19.41
CA ASP A 281 -4.87 2.37 -20.59
C ASP A 281 -4.58 1.69 -21.95
N VAL A 282 -3.64 0.73 -22.00
CA VAL A 282 -3.33 0.05 -23.27
C VAL A 282 -4.33 -1.08 -23.56
N GLY A 283 -4.87 -1.11 -24.77
CA GLY A 283 -5.82 -2.14 -25.18
C GLY A 283 -5.12 -3.41 -25.62
N HIS A 284 -5.76 -4.19 -26.49
CA HIS A 284 -5.14 -5.43 -26.97
C HIS A 284 -4.03 -5.11 -27.98
N VAL A 285 -2.88 -5.78 -27.84
CA VAL A 285 -1.77 -5.63 -28.77
C VAL A 285 -1.41 -7.04 -29.26
N PRO A 286 -1.54 -7.31 -30.57
CA PRO A 286 -1.20 -8.65 -31.07
C PRO A 286 0.30 -8.89 -31.02
N ILE A 287 0.72 -10.04 -30.48
CA ILE A 287 2.15 -10.36 -30.39
C ILE A 287 2.44 -11.71 -31.02
N ARG A 288 3.42 -11.74 -31.93
CA ARG A 288 3.83 -12.95 -32.59
C ARG A 288 5.04 -13.57 -31.89
N LEU A 289 6.01 -12.75 -31.39
CA LEU A 289 7.21 -13.26 -30.67
C LEU A 289 6.80 -14.31 -29.62
N PRO A 290 7.12 -15.61 -29.83
CA PRO A 290 6.57 -16.66 -28.95
C PRO A 290 6.73 -16.48 -27.44
N ARG A 291 7.94 -16.22 -26.95
CA ARG A 291 8.14 -16.05 -25.51
C ARG A 291 7.44 -14.82 -24.98
N THR A 292 7.41 -13.74 -25.80
CA THR A 292 6.77 -12.49 -25.42
C THR A 292 5.25 -12.67 -25.37
N LYS A 293 4.67 -13.38 -26.34
CA LYS A 293 3.23 -13.62 -26.41
C LYS A 293 2.80 -14.50 -25.23
N HIS A 294 3.56 -15.57 -24.93
CA HIS A 294 3.24 -16.44 -23.81
C HIS A 294 3.27 -15.65 -22.49
N LEU A 295 4.30 -14.81 -22.27
CA LEU A 295 4.40 -14.05 -21.02
C LEU A 295 3.27 -13.05 -20.88
N LEU A 296 2.89 -12.35 -21.97
CA LEU A 296 1.76 -11.42 -21.91
C LEU A 296 0.46 -12.17 -21.54
N ASN A 297 0.27 -13.37 -22.09
CA ASN A 297 -0.88 -14.19 -21.79
C ASN A 297 -0.86 -14.65 -20.32
N VAL A 298 0.33 -15.00 -19.78
CA VAL A 298 0.45 -15.35 -18.38
C VAL A 298 0.08 -14.14 -17.49
N ILE A 299 0.51 -12.94 -17.90
CA ILE A 299 0.20 -11.70 -17.18
C ILE A 299 -1.31 -11.36 -17.20
N ASN A 300 -1.97 -11.41 -18.38
CA ASN A 300 -3.40 -11.13 -18.52
C ASN A 300 -4.25 -12.11 -17.72
N GLU A 301 -3.83 -13.38 -17.71
CA GLU A 301 -4.54 -14.43 -17.01
C GLU A 301 -4.45 -14.30 -15.49
N ASN A 302 -3.24 -14.11 -14.97
CA ASN A 302 -3.01 -14.14 -13.56
C ASN A 302 -3.07 -12.81 -12.83
N PHE A 303 -2.72 -11.72 -13.50
CA PHE A 303 -2.65 -10.42 -12.85
C PHE A 303 -3.56 -9.34 -13.45
N GLY A 304 -3.85 -9.39 -14.75
CA GLY A 304 -4.64 -8.35 -15.40
C GLY A 304 -3.98 -6.99 -15.26
N THR A 305 -4.72 -6.02 -14.72
CA THR A 305 -4.14 -4.69 -14.47
C THR A 305 -3.51 -4.56 -13.05
N LEU A 306 -3.52 -5.64 -12.26
CA LEU A 306 -2.89 -5.61 -10.93
C LEU A 306 -1.38 -5.78 -11.09
N ALA A 307 -0.63 -5.34 -10.09
CA ALA A 307 0.82 -5.44 -10.15
C ALA A 307 1.32 -6.88 -9.85
N PHE A 308 2.55 -7.16 -10.26
CA PHE A 308 3.19 -8.44 -10.03
C PHE A 308 4.70 -8.24 -9.86
N CYS A 309 5.40 -9.33 -9.51
CA CYS A 309 6.83 -9.34 -9.38
C CYS A 309 7.40 -10.59 -10.06
N ARG A 310 8.73 -10.64 -10.24
CA ARG A 310 9.37 -11.75 -10.92
C ARG A 310 9.21 -13.06 -10.17
N ARG A 311 9.27 -13.02 -8.81
CA ARG A 311 9.06 -14.22 -7.97
C ARG A 311 7.70 -14.86 -8.24
N TRP A 312 6.70 -14.04 -8.60
CA TRP A 312 5.37 -14.55 -8.90
C TRP A 312 5.30 -15.22 -10.27
N LEU A 313 6.19 -14.85 -11.20
CA LEU A 313 6.29 -15.53 -12.47
C LEU A 313 7.00 -16.88 -12.23
N ASP A 314 8.08 -16.90 -11.39
CA ASP A 314 8.83 -18.11 -11.02
C ASP A 314 7.90 -19.17 -10.39
N ARG A 315 7.02 -18.78 -9.44
CA ARG A 315 6.11 -19.72 -8.79
C ARG A 315 5.05 -20.31 -9.75
N LEU A 316 4.79 -19.64 -10.88
CA LEU A 316 3.87 -20.16 -11.90
C LEU A 316 4.57 -21.14 -12.89
N GLY A 317 5.83 -21.48 -12.64
CA GLY A 317 6.60 -22.38 -13.49
C GLY A 317 7.25 -21.72 -14.69
N GLU A 318 7.25 -20.38 -14.73
CA GLU A 318 7.85 -19.63 -15.82
C GLU A 318 9.36 -19.51 -15.68
N SER A 319 10.06 -19.58 -16.81
CA SER A 319 11.51 -19.45 -16.89
C SER A 319 11.89 -18.77 -18.23
N LYS A 320 13.10 -18.22 -18.32
CA LYS A 320 13.62 -17.52 -19.50
C LYS A 320 12.64 -16.45 -19.97
N TYR A 321 12.18 -15.60 -19.05
CA TYR A 321 11.18 -14.58 -19.37
C TYR A 321 11.74 -13.15 -19.35
N LEU A 322 13.01 -12.95 -18.93
CA LEU A 322 13.56 -11.59 -18.80
C LEU A 322 13.54 -10.77 -20.09
N MET A 323 13.94 -11.39 -21.21
CA MET A 323 13.93 -10.69 -22.49
C MET A 323 12.48 -10.40 -22.93
N ALA A 324 11.58 -11.38 -22.74
CA ALA A 324 10.16 -11.20 -23.04
C ALA A 324 9.54 -10.07 -22.19
N LEU A 325 9.97 -9.95 -20.92
CA LEU A 325 9.51 -8.91 -19.99
C LEU A 325 10.07 -7.56 -20.41
N LYS A 326 11.34 -7.54 -20.86
CA LYS A 326 11.95 -6.33 -21.37
C LYS A 326 11.21 -5.87 -22.63
N ASN A 327 10.81 -6.80 -23.53
CA ASN A 327 10.08 -6.47 -24.75
C ASN A 327 8.73 -5.85 -24.42
N LEU A 328 7.99 -6.44 -23.46
CA LEU A 328 6.70 -5.87 -23.05
C LEU A 328 6.89 -4.48 -22.45
N CYS A 329 7.98 -4.27 -21.70
CA CYS A 329 8.29 -2.96 -21.15
C CYS A 329 8.61 -1.94 -22.27
N ASP A 330 9.50 -2.30 -23.23
CA ASP A 330 9.88 -1.45 -24.36
C ASP A 330 8.68 -1.07 -25.22
N LEU A 331 7.74 -2.01 -25.39
CA LEU A 331 6.52 -1.75 -26.15
C LEU A 331 5.51 -0.86 -25.43
N GLY A 332 5.70 -0.59 -24.15
CA GLY A 332 4.78 0.23 -23.35
C GLY A 332 3.56 -0.51 -22.87
N ILE A 333 3.55 -1.86 -22.99
CA ILE A 333 2.41 -2.68 -22.55
C ILE A 333 2.50 -2.90 -21.03
N VAL A 334 3.71 -3.19 -20.54
CA VAL A 334 3.99 -3.37 -19.13
C VAL A 334 4.95 -2.24 -18.71
N ASP A 335 4.78 -1.68 -17.50
CA ASP A 335 5.70 -0.64 -17.02
C ASP A 335 6.51 -1.21 -15.88
N PRO A 336 7.83 -0.95 -15.84
CA PRO A 336 8.62 -1.37 -14.68
C PRO A 336 8.48 -0.34 -13.56
N TYR A 337 8.52 -0.79 -12.31
CA TYR A 337 8.45 0.09 -11.14
C TYR A 337 9.67 -0.25 -10.26
N PRO A 338 10.86 0.29 -10.60
CA PRO A 338 12.06 -0.05 -9.82
C PRO A 338 12.05 0.50 -8.40
N PRO A 339 12.89 -0.05 -7.50
CA PRO A 339 12.95 0.47 -6.13
C PRO A 339 13.26 1.97 -6.13
N LEU A 340 12.62 2.69 -5.20
CA LEU A 340 12.80 4.13 -5.08
C LEU A 340 13.57 4.43 -3.80
N CYS A 341 14.83 4.86 -3.96
CA CYS A 341 15.74 5.09 -2.86
C CYS A 341 16.24 6.53 -2.72
N ASP A 342 16.40 6.97 -1.47
CA ASP A 342 17.02 8.26 -1.14
C ASP A 342 18.55 7.96 -1.09
N ILE A 343 19.37 8.98 -0.78
CA ILE A 343 20.83 8.88 -0.76
C ILE A 343 21.34 7.75 0.11
N LYS A 344 22.49 7.18 -0.24
CA LYS A 344 23.10 6.10 0.56
C LYS A 344 23.39 6.60 1.98
N GLY A 345 23.12 5.76 2.97
CA GLY A 345 23.33 6.11 4.37
C GLY A 345 22.13 6.72 5.07
N SER A 346 21.12 7.13 4.31
CA SER A 346 19.91 7.72 4.86
C SER A 346 18.90 6.67 5.34
N TYR A 347 17.92 7.08 6.13
CA TYR A 347 16.90 6.17 6.65
C TYR A 347 15.52 6.68 6.29
N THR A 348 14.65 5.78 5.83
CA THR A 348 13.30 6.15 5.46
C THR A 348 12.25 5.31 6.23
N ALA A 349 11.10 5.90 6.53
CA ALA A 349 10.00 5.18 7.19
C ALA A 349 8.68 5.51 6.49
N GLN A 350 7.69 4.60 6.58
CA GLN A 350 6.41 4.76 5.92
C GLN A 350 5.28 4.15 6.75
N PHE A 351 4.12 4.81 6.74
CA PHE A 351 2.86 4.35 7.30
C PHE A 351 1.79 4.70 6.26
N GLU A 352 0.89 3.76 5.96
CA GLU A 352 -0.12 3.94 4.92
C GLU A 352 -1.42 3.25 5.31
N HIS A 353 -2.57 3.90 5.01
CA HIS A 353 -3.91 3.35 5.23
C HIS A 353 -4.77 3.62 4.01
N THR A 354 -5.76 2.76 3.79
CA THR A 354 -6.73 2.97 2.73
C THR A 354 -7.97 3.57 3.38
N ILE A 355 -8.51 4.65 2.80
CA ILE A 355 -9.69 5.30 3.34
C ILE A 355 -10.83 5.35 2.30
N LEU A 356 -12.05 5.15 2.77
CA LEU A 356 -13.24 5.14 1.93
C LEU A 356 -13.97 6.46 2.15
N LEU A 357 -14.15 7.27 1.09
CA LEU A 357 -14.91 8.52 1.23
C LEU A 357 -16.41 8.24 1.03
N ARG A 358 -17.04 7.61 2.03
CA ARG A 358 -18.45 7.24 2.00
C ARG A 358 -19.38 8.46 2.08
N PRO A 359 -20.56 8.44 1.43
CA PRO A 359 -21.44 9.62 1.50
C PRO A 359 -21.72 10.17 2.90
N THR A 360 -21.85 9.29 3.90
CA THR A 360 -22.14 9.62 5.29
C THR A 360 -20.92 9.89 6.17
N CYS A 361 -19.83 9.11 6.01
CA CYS A 361 -18.65 9.25 6.86
C CYS A 361 -17.34 8.85 6.14
N LYS A 362 -16.20 9.21 6.74
CA LYS A 362 -14.88 8.87 6.23
C LYS A 362 -14.51 7.56 6.94
N GLU A 363 -14.26 6.48 6.19
CA GLU A 363 -13.92 5.20 6.82
C GLU A 363 -12.45 4.81 6.64
N VAL A 364 -11.68 4.72 7.73
CA VAL A 364 -10.28 4.29 7.68
C VAL A 364 -10.37 2.77 7.77
N VAL A 365 -10.75 2.14 6.64
CA VAL A 365 -11.09 0.72 6.52
C VAL A 365 -9.95 -0.21 6.95
N SER A 366 -8.68 0.18 6.72
CA SER A 366 -7.55 -0.67 7.09
C SER A 366 -7.04 -0.44 8.51
N ARG A 367 -7.67 0.46 9.30
CA ARG A 367 -7.24 0.71 10.69
C ARG A 367 -7.30 -0.59 11.51
N GLY A 368 -6.36 -0.77 12.42
CA GLY A 368 -6.30 -1.90 13.34
C GLY A 368 -5.99 -1.46 14.77
N ASP A 369 -5.67 -2.42 15.66
CA ASP A 369 -5.27 -2.06 17.03
C ASP A 369 -3.72 -1.86 17.14
N ASP A 370 -3.00 -1.98 16.00
CA ASP A 370 -1.57 -1.85 15.85
C ASP A 370 -1.22 -0.45 15.33
N TYR A 371 -1.88 0.01 14.27
CA TYR A 371 -1.64 1.33 13.67
C TYR A 371 -2.81 1.72 12.79
P PO4 B . 11.83 -1.73 18.79
O1 PO4 B . 11.59 -3.27 18.83
O2 PO4 B . 11.87 -1.23 17.27
O3 PO4 B . 10.65 -0.97 19.56
O4 PO4 B . 13.23 -1.37 19.47
P PO4 C . 13.72 -5.49 -17.12
O1 PO4 C . 12.72 -6.58 -17.63
O2 PO4 C . 13.88 -4.34 -18.22
O3 PO4 C . 13.17 -4.84 -15.77
O4 PO4 C . 15.14 -6.18 -16.85
P PO4 D . -8.41 -6.67 -14.45
O1 PO4 D . -9.58 -7.61 -14.01
O2 PO4 D . -8.95 -5.17 -14.61
O3 PO4 D . -7.25 -6.75 -13.35
O4 PO4 D . -7.82 -7.14 -15.85
P PO4 E . 3.59 -1.20 13.95
O1 PO4 E . 2.71 -1.91 12.81
O2 PO4 E . 4.48 -2.27 14.64
O3 PO4 E . 2.62 -0.54 15.05
O4 PO4 E . 4.52 -0.08 13.31
P PO4 F . -6.73 -10.01 -24.17
O1 PO4 F . -8.30 -9.87 -24.45
O2 PO4 F . -6.14 -11.23 -24.91
O3 PO4 F . -6.52 -10.20 -22.59
O4 PO4 F . -6.02 -8.67 -24.67
P PO4 G . 10.24 -5.76 -29.47
O1 PO4 G . 9.08 -6.63 -28.93
O2 PO4 G . 9.93 -5.34 -30.98
O3 PO4 G . 10.39 -4.45 -28.57
O4 PO4 G . 11.61 -6.59 -29.43
P PO4 H . -0.78 -19.81 -21.07
O1 PO4 H . -2.23 -19.82 -21.74
O2 PO4 H . 0.05 -20.99 -21.65
O3 PO4 H . -0.91 -19.98 -19.49
O4 PO4 H . -0.06 -18.42 -21.41
C10 QVB I . 2.10 3.11 -8.45
C15 QVB I . 2.76 -1.32 -6.19
C20 QVB I . 3.05 -0.06 -8.67
C21 QVB I . 2.59 0.66 -7.58
C22 QVB I . 1.40 3.32 -5.22
C01 QVB I . 6.11 4.83 -8.45
C02 QVB I . 5.01 5.27 -7.54
C03 QVB I . 5.45 5.38 -6.09
O04 QVB I . 3.97 4.22 -7.55
C05 QVB I . 3.00 4.18 -8.54
C06 QVB I . 2.89 5.13 -9.56
C07 QVB I . 1.92 4.97 -10.53
C08 QVB I . 1.06 3.90 -10.49
C09 QVB I . 1.14 2.96 -9.45
C11 QVB I . 2.21 2.06 -7.38
C12 QVB I . 1.86 2.17 -6.04
N13 QVB I . 2.04 0.96 -5.41
C14 QVB I . 2.47 0.03 -6.34
C16 QVB I . 3.23 -2.00 -7.27
F17 QVB I . 3.53 -3.32 -7.15
C18 QVB I . 3.38 -1.40 -8.51
CL1 QVB I . 3.96 -2.30 -9.88
N23 QVB I . 1.33 4.49 -5.82
O24 QVB I . 1.11 3.15 -4.02
MN MN J . 1.45 0.81 -0.48
MN MN K . 0.17 3.45 -2.08
#